data_6JWC
#
_entry.id   6JWC
#
_cell.length_a   98.895
_cell.length_b   98.895
_cell.length_c   96.711
_cell.angle_alpha   90.00
_cell.angle_beta   90.00
_cell.angle_gamma   90.00
#
_symmetry.space_group_name_H-M   'P 43 21 2'
#
loop_
_entity.id
_entity.type
_entity.pdbx_description
1 polymer 'Immunoglobulin heavy chain Fab fragment'
2 polymer 'Immunoglobulin light chain'
3 non-polymer 'SULFATE ION'
4 non-polymer 'DODECAETHYLENE GLYCOL'
5 non-polymer 1,4,7,10,13,16-HEXAOXACYCLOOCTADECANE
6 non-polymer DI(HYDROXYETHYL)ETHER
7 water water
#
loop_
_entity_poly.entity_id
_entity_poly.type
_entity_poly.pdbx_seq_one_letter_code
_entity_poly.pdbx_strand_id
1 'polypeptide(L)'
;EVKLEESGGGLVQPGGSMKLSCVASGFIFSDAWMDWVRQSPERGLEWVAEIRSKANGLAPYYAESVKGRFTISRDDSKSS
VYLQMNNLRSEDTGIYYCTSTLYYFDYWGQGTTLTVSSAKTTPPSVYPLAPGSAAQTNSMVTLGCLVKGYFPEPVTVTWN
SGSLSSGVHTFPAVLQSDLYTLSSSVTVPSSTWPSETVTCNVAHPASSTKVDKKIVPRDCG
;
H
2 'polypeptide(L)'
;(PCA)IVLTQSPAIMSAFPGERVTLTCSASSSVRSSYLCWYQQKPGSSPKLWIYSTSKLPSGVPARFSGSGSGTSYSLTI
SSMEAEDAASYFCHQWSSYPRTFGGGTKLEIKRADAAPTVSIFPPSSEQLTSGGASVVCFLNNFYPKDINVKWKIDGSER
QNGVLNSWTDQDSKDSTYSMSSTLTLTKDEYERHNSYTCEATHKTSTSPIVKSFNRNEC
;
L
#
# COMPACT_ATOMS: atom_id res chain seq x y z
N GLU A 1 7.29 17.33 -18.37
CA GLU A 1 6.24 16.70 -17.58
C GLU A 1 6.31 17.18 -16.13
N VAL A 2 5.20 17.05 -15.41
CA VAL A 2 5.14 17.48 -14.02
C VAL A 2 5.79 16.42 -13.13
N LYS A 3 6.67 16.86 -12.24
CA LYS A 3 7.40 15.95 -11.37
C LYS A 3 7.69 16.62 -10.05
N LEU A 4 7.47 15.88 -8.95
CA LEU A 4 7.78 16.34 -7.60
C LEU A 4 8.65 15.27 -6.95
N GLU A 5 9.95 15.55 -6.84
CA GLU A 5 10.89 14.60 -6.24
C GLU A 5 11.00 14.89 -4.75
N GLU A 6 10.67 13.88 -3.93
CA GLU A 6 10.67 14.03 -2.48
C GLU A 6 11.87 13.32 -1.87
N SER A 7 12.39 13.90 -0.80
CA SER A 7 13.48 13.30 -0.05
C SER A 7 13.44 13.80 1.38
N GLY A 8 14.31 13.24 2.22
CA GLY A 8 14.40 13.60 3.61
C GLY A 8 13.66 12.69 4.56
N GLY A 9 13.03 11.62 4.07
CA GLY A 9 12.37 10.67 4.92
C GLY A 9 13.34 9.74 5.61
N GLY A 10 12.79 8.86 6.44
CA GLY A 10 13.57 7.88 7.15
C GLY A 10 13.13 7.79 8.59
N LEU A 11 14.01 7.22 9.41
CA LEU A 11 13.73 6.96 10.81
C LEU A 11 14.36 8.04 11.68
N VAL A 12 13.60 8.48 12.70
CA VAL A 12 14.07 9.50 13.63
C VAL A 12 13.52 9.17 15.02
N GLN A 13 14.32 9.43 16.05
CA GLN A 13 13.88 9.17 17.41
C GLN A 13 12.85 10.21 17.83
N PRO A 14 11.95 9.86 18.75
CA PRO A 14 10.98 10.84 19.25
C PRO A 14 11.68 12.04 19.86
N GLY A 15 11.15 13.23 19.54
CA GLY A 15 11.77 14.47 19.96
C GLY A 15 12.79 15.02 18.99
N GLY A 16 13.17 14.27 17.97
CA GLY A 16 14.13 14.72 16.99
C GLY A 16 13.52 15.66 15.96
N SER A 17 14.36 16.04 15.00
CA SER A 17 13.97 16.95 13.94
C SER A 17 14.36 16.36 12.59
N MET A 18 13.68 16.82 11.54
CA MET A 18 13.91 16.31 10.21
C MET A 18 13.28 17.27 9.21
N LYS A 19 13.89 17.38 8.03
CA LYS A 19 13.36 18.25 6.99
C LYS A 19 13.01 17.43 5.75
N LEU A 20 11.77 17.55 5.30
CA LEU A 20 11.34 16.96 4.04
C LEU A 20 11.53 17.98 2.93
N SER A 21 12.14 17.55 1.83
CA SER A 21 12.39 18.41 0.68
C SER A 21 11.62 17.88 -0.51
N CYS A 22 11.17 18.80 -1.36
CA CYS A 22 10.39 18.47 -2.54
C CYS A 22 10.85 19.40 -3.67
N VAL A 23 11.47 18.83 -4.70
CA VAL A 23 11.96 19.58 -5.85
C VAL A 23 10.96 19.41 -6.98
N ALA A 24 10.44 20.53 -7.48
CA ALA A 24 9.43 20.53 -8.53
C ALA A 24 10.07 20.79 -9.89
N SER A 25 9.51 20.17 -10.91
CA SER A 25 9.96 20.40 -12.28
C SER A 25 8.80 20.19 -13.24
N GLY A 26 8.80 20.94 -14.33
CA GLY A 26 7.79 20.80 -15.36
C GLY A 26 6.64 21.77 -15.28
N PHE A 27 6.74 22.83 -14.49
CA PHE A 27 5.73 23.87 -14.44
C PHE A 27 6.35 25.11 -13.80
N ILE A 28 5.58 26.19 -13.77
CA ILE A 28 6.02 27.43 -13.13
C ILE A 28 5.78 27.25 -11.63
N PHE A 29 6.85 26.92 -10.90
CA PHE A 29 6.72 26.60 -9.48
C PHE A 29 6.18 27.79 -8.69
N SER A 30 6.59 29.01 -9.05
CA SER A 30 6.18 30.20 -8.33
C SER A 30 4.69 30.50 -8.48
N ASP A 31 4.01 29.90 -9.45
CA ASP A 31 2.57 30.10 -9.60
C ASP A 31 1.75 29.10 -8.79
N ALA A 32 2.36 28.02 -8.30
CA ALA A 32 1.61 26.95 -7.67
C ALA A 32 1.51 27.14 -6.17
N TRP A 33 0.42 26.64 -5.59
CA TRP A 33 0.34 26.46 -4.15
C TRP A 33 0.91 25.09 -3.82
N MET A 34 1.70 25.03 -2.75
CA MET A 34 2.33 23.78 -2.36
C MET A 34 1.71 23.27 -1.06
N ASP A 35 1.49 21.96 -0.99
CA ASP A 35 0.89 21.35 0.18
C ASP A 35 1.66 20.09 0.57
N TRP A 36 1.61 19.78 1.86
CA TRP A 36 2.10 18.52 2.40
C TRP A 36 0.93 17.80 3.03
N VAL A 37 0.75 16.53 2.66
CA VAL A 37 -0.32 15.67 3.14
C VAL A 37 0.30 14.41 3.73
N ARG A 38 -0.31 13.87 4.78
CA ARG A 38 0.20 12.67 5.43
C ARG A 38 -0.85 11.57 5.35
N GLN A 39 -0.39 10.36 5.07
CA GLN A 39 -1.23 9.16 5.07
C GLN A 39 -0.59 8.14 6.00
N SER A 40 -1.31 7.74 7.03
CA SER A 40 -0.79 6.79 8.01
C SER A 40 -1.85 5.73 8.29
N PRO A 41 -1.44 4.53 8.72
CA PRO A 41 -2.43 3.47 8.98
C PRO A 41 -3.40 3.80 10.09
N GLU A 42 -3.04 4.68 11.02
CA GLU A 42 -3.88 4.96 12.18
C GLU A 42 -4.48 6.35 12.20
N ARG A 43 -4.06 7.24 11.29
CA ARG A 43 -4.64 8.58 11.20
C ARG A 43 -5.24 8.85 9.82
N GLY A 44 -5.38 7.82 8.98
CA GLY A 44 -5.99 8.01 7.67
C GLY A 44 -5.18 8.95 6.80
N LEU A 45 -5.90 9.76 6.03
CA LEU A 45 -5.31 10.73 5.10
C LEU A 45 -5.61 12.12 5.64
N GLU A 46 -4.56 12.87 5.99
CA GLU A 46 -4.74 14.16 6.64
C GLU A 46 -3.81 15.20 6.04
N TRP A 47 -4.35 16.38 5.80
CA TRP A 47 -3.56 17.51 5.34
C TRP A 47 -2.64 17.99 6.47
N VAL A 48 -1.39 18.31 6.12
CA VAL A 48 -0.39 18.73 7.09
C VAL A 48 -0.13 20.23 7.01
N ALA A 49 0.25 20.72 5.84
CA ALA A 49 0.56 22.15 5.75
C ALA A 49 0.39 22.64 4.32
N GLU A 50 0.36 23.96 4.17
CA GLU A 50 0.21 24.60 2.88
C GLU A 50 0.96 25.91 2.87
N ILE A 51 1.57 26.24 1.74
CA ILE A 51 2.12 27.57 1.50
C ILE A 51 1.70 28.02 0.11
N ARG A 52 1.22 29.26 0.01
CA ARG A 52 0.67 29.76 -1.23
C ARG A 52 1.73 30.50 -2.04
N SER A 53 1.37 30.83 -3.28
CA SER A 53 2.28 31.51 -4.19
C SER A 53 2.59 32.92 -3.71
N LYS A 54 3.67 33.48 -4.25
CA LYS A 54 4.09 34.83 -3.87
C LYS A 54 3.00 35.85 -4.21
N ALA A 55 2.34 35.69 -5.36
CA ALA A 55 1.27 36.60 -5.74
C ALA A 55 0.05 36.46 -4.84
N ASN A 56 -0.11 35.33 -4.15
CA ASN A 56 -1.24 35.12 -3.25
C ASN A 56 -0.92 35.51 -1.81
N GLY A 57 0.19 36.17 -1.56
CA GLY A 57 0.54 36.61 -0.23
C GLY A 57 1.52 35.72 0.51
N LEU A 58 1.85 34.54 -0.03
CA LEU A 58 2.86 33.66 0.53
C LEU A 58 2.51 33.22 1.96
N ALA A 59 1.22 33.09 2.26
CA ALA A 59 0.83 32.77 3.63
C ALA A 59 0.92 31.26 3.87
N PRO A 60 1.42 30.85 5.03
CA PRO A 60 1.40 29.42 5.37
C PRO A 60 0.25 29.06 6.31
N TYR A 61 -0.26 27.84 6.16
CA TYR A 61 -1.31 27.30 7.01
C TYR A 61 -0.88 25.93 7.49
N TYR A 62 -1.29 25.58 8.71
CA TYR A 62 -0.87 24.36 9.36
C TYR A 62 -2.06 23.65 10.00
N ALA A 63 -1.99 22.32 10.00
CA ALA A 63 -2.93 21.53 10.78
C ALA A 63 -2.66 21.73 12.26
N GLU A 64 -3.70 21.53 13.07
CA GLU A 64 -3.60 21.83 14.50
C GLU A 64 -2.55 20.96 15.18
N SER A 65 -2.48 19.67 14.81
CA SER A 65 -1.57 18.75 15.48
C SER A 65 -0.10 19.03 15.19
N VAL A 66 0.21 19.87 14.20
CA VAL A 66 1.60 20.19 13.87
C VAL A 66 1.91 21.66 14.04
N LYS A 67 0.93 22.51 14.36
CA LYS A 67 1.18 23.93 14.52
C LYS A 67 2.17 24.17 15.64
N GLY A 68 3.20 24.97 15.37
CA GLY A 68 4.27 25.25 16.29
C GLY A 68 5.49 24.36 16.13
N ARG A 69 5.30 23.12 15.68
CA ARG A 69 6.41 22.20 15.49
C ARG A 69 6.87 22.09 14.04
N PHE A 70 5.97 22.30 13.08
CA PHE A 70 6.29 22.20 11.66
C PHE A 70 6.34 23.59 11.05
N THR A 71 7.28 23.81 10.15
CA THR A 71 7.40 25.04 9.39
C THR A 71 7.51 24.70 7.92
N ILE A 72 6.59 25.19 7.12
CA ILE A 72 6.63 25.00 5.66
C ILE A 72 7.23 26.26 5.04
N SER A 73 8.11 26.06 4.06
CA SER A 73 8.74 27.18 3.39
C SER A 73 8.96 26.80 1.93
N ARG A 74 9.25 27.80 1.10
CA ARG A 74 9.46 27.56 -0.31
C ARG A 74 10.59 28.44 -0.84
N ASP A 75 11.39 27.88 -1.74
CA ASP A 75 12.42 28.60 -2.47
C ASP A 75 12.05 28.52 -3.95
N ASP A 76 11.50 29.62 -4.48
CA ASP A 76 11.08 29.65 -5.87
C ASP A 76 12.27 29.54 -6.81
N SER A 77 13.38 30.19 -6.48
CA SER A 77 14.56 30.15 -7.34
C SER A 77 15.13 28.75 -7.48
N LYS A 78 14.87 27.87 -6.51
CA LYS A 78 15.27 26.47 -6.61
C LYS A 78 14.09 25.55 -6.86
N SER A 79 12.90 26.10 -7.09
CA SER A 79 11.70 25.32 -7.37
C SER A 79 11.50 24.23 -6.33
N SER A 80 11.70 24.60 -5.06
CA SER A 80 11.67 23.62 -3.98
C SER A 80 10.74 24.08 -2.88
N VAL A 81 10.12 23.11 -2.21
CA VAL A 81 9.33 23.37 -1.01
C VAL A 81 9.81 22.43 0.09
N TYR A 82 9.83 22.93 1.32
CA TYR A 82 10.38 22.21 2.45
C TYR A 82 9.40 22.20 3.60
N LEU A 83 9.44 21.10 4.36
CA LEU A 83 8.69 20.94 5.60
C LEU A 83 9.69 20.60 6.70
N GLN A 84 10.06 21.58 7.52
CA GLN A 84 10.96 21.37 8.63
C GLN A 84 10.16 21.00 9.87
N MET A 85 10.58 19.93 10.56
CA MET A 85 9.80 19.35 11.65
C MET A 85 10.69 19.23 12.87
N ASN A 86 10.28 19.88 13.96
CA ASN A 86 10.94 19.80 15.25
C ASN A 86 10.03 19.08 16.24
N ASN A 87 10.66 18.48 17.25
CA ASN A 87 9.96 17.75 18.31
C ASN A 87 8.99 16.72 17.71
N LEU A 88 9.56 15.83 16.91
CA LEU A 88 8.76 14.82 16.24
C LEU A 88 8.20 13.82 17.24
N ARG A 89 6.93 13.45 17.06
CA ARG A 89 6.22 12.53 17.93
C ARG A 89 5.86 11.29 17.15
N SER A 90 5.46 10.24 17.90
CA SER A 90 5.06 8.99 17.28
C SER A 90 3.88 9.16 16.34
N GLU A 91 3.00 10.12 16.63
CA GLU A 91 1.83 10.35 15.77
C GLU A 91 2.20 10.84 14.38
N ASP A 92 3.42 11.36 14.20
CA ASP A 92 3.84 11.93 12.92
C ASP A 92 4.31 10.88 11.92
N THR A 93 4.32 9.60 12.30
CA THR A 93 4.75 8.55 11.40
C THR A 93 3.75 8.39 10.25
N GLY A 94 4.27 8.25 9.04
CA GLY A 94 3.43 8.01 7.89
C GLY A 94 4.13 8.35 6.60
N ILE A 95 3.38 8.22 5.51
CA ILE A 95 3.83 8.57 4.17
C ILE A 95 3.44 10.01 3.90
N TYR A 96 4.42 10.86 3.65
CA TYR A 96 4.20 12.27 3.35
C TYR A 96 4.25 12.49 1.85
N TYR A 97 3.21 13.11 1.31
CA TYR A 97 3.12 13.49 -0.08
C TYR A 97 3.27 15.00 -0.22
N CYS A 98 4.13 15.41 -1.14
CA CYS A 98 4.22 16.79 -1.60
C CYS A 98 3.27 16.96 -2.78
N THR A 99 2.45 18.01 -2.77
CA THR A 99 1.48 18.26 -3.81
C THR A 99 1.56 19.70 -4.28
N SER A 100 1.21 19.91 -5.55
CA SER A 100 1.21 21.22 -6.18
C SER A 100 -0.16 21.48 -6.82
N THR A 101 -0.68 22.69 -6.61
CA THR A 101 -1.99 23.09 -7.10
C THR A 101 -1.83 24.28 -8.04
N LEU A 102 -2.31 24.12 -9.26
CA LEU A 102 -2.39 25.20 -10.25
C LEU A 102 -3.80 25.20 -10.79
N TYR A 103 -4.49 26.34 -10.67
CA TYR A 103 -5.91 26.44 -11.00
C TYR A 103 -6.60 25.42 -10.09
N TYR A 104 -7.46 24.54 -10.60
CA TYR A 104 -8.04 23.49 -9.79
C TYR A 104 -7.25 22.19 -9.85
N PHE A 105 -6.20 22.12 -10.66
CA PHE A 105 -5.51 20.88 -10.92
C PHE A 105 -4.42 20.63 -9.89
N ASP A 106 -4.43 19.44 -9.31
CA ASP A 106 -3.58 19.09 -8.18
C ASP A 106 -2.76 17.86 -8.55
N TYR A 107 -1.44 17.94 -8.34
CA TYR A 107 -0.53 16.84 -8.65
C TYR A 107 0.22 16.44 -7.38
N TRP A 108 0.32 15.13 -7.16
CA TRP A 108 0.95 14.56 -5.98
C TRP A 108 2.24 13.84 -6.33
N GLY A 109 3.25 13.98 -5.48
CA GLY A 109 4.46 13.21 -5.62
C GLY A 109 4.27 11.79 -5.13
N GLN A 110 5.32 10.99 -5.29
CA GLN A 110 5.27 9.58 -4.88
C GLN A 110 5.24 9.42 -3.37
N GLY A 111 5.70 10.42 -2.62
CA GLY A 111 5.65 10.31 -1.17
C GLY A 111 6.87 9.61 -0.59
N THR A 112 7.28 10.07 0.59
CA THR A 112 8.37 9.46 1.31
C THR A 112 7.91 9.13 2.72
N THR A 113 8.47 8.05 3.29
CA THR A 113 8.02 7.55 4.57
C THR A 113 8.87 8.13 5.70
N LEU A 114 8.21 8.72 6.69
CA LEU A 114 8.83 9.20 7.91
C LEU A 114 8.36 8.32 9.07
N THR A 115 9.31 7.80 9.85
CA THR A 115 9.00 6.94 10.98
C THR A 115 9.63 7.53 12.24
N VAL A 116 8.80 7.85 13.21
CA VAL A 116 9.24 8.37 14.50
C VAL A 116 9.11 7.25 15.52
N SER A 117 10.24 6.68 15.92
CA SER A 117 10.23 5.54 16.83
C SER A 117 11.57 5.49 17.57
N SER A 118 11.55 4.82 18.72
CA SER A 118 12.77 4.58 19.47
C SER A 118 13.51 3.34 19.00
N ALA A 119 12.89 2.53 18.15
CA ALA A 119 13.54 1.34 17.63
C ALA A 119 14.63 1.72 16.64
N LYS A 120 15.57 0.81 16.44
CA LYS A 120 16.73 1.02 15.59
C LYS A 120 16.48 0.48 14.20
N THR A 121 17.17 1.06 13.22
CA THR A 121 17.09 0.58 11.85
C THR A 121 17.64 -0.83 11.76
N THR A 122 16.88 -1.73 11.14
CA THR A 122 17.27 -3.13 11.01
C THR A 122 17.13 -3.55 9.56
N PRO A 123 18.19 -4.01 8.90
CA PRO A 123 18.05 -4.48 7.53
C PRO A 123 17.31 -5.80 7.48
N PRO A 124 16.65 -6.12 6.38
CA PRO A 124 15.88 -7.36 6.30
C PRO A 124 16.75 -8.56 5.93
N SER A 125 16.24 -9.74 6.27
CA SER A 125 16.78 -10.99 5.79
C SER A 125 15.89 -11.49 4.64
N VAL A 126 16.49 -11.71 3.48
CA VAL A 126 15.75 -12.13 2.29
C VAL A 126 16.08 -13.60 2.04
N TYR A 127 15.04 -14.43 2.08
CA TYR A 127 15.18 -15.87 1.88
C TYR A 127 14.43 -16.31 0.63
N PRO A 128 15.04 -17.14 -0.22
CA PRO A 128 14.33 -17.64 -1.40
C PRO A 128 13.30 -18.69 -1.03
N LEU A 129 12.26 -18.78 -1.86
CA LEU A 129 11.18 -19.75 -1.68
C LEU A 129 11.03 -20.48 -3.02
N ALA A 130 11.68 -21.65 -3.10
CA ALA A 130 11.61 -22.55 -4.24
C ALA A 130 10.83 -23.80 -3.85
N PRO A 131 10.07 -24.38 -4.77
CA PRO A 131 9.23 -25.55 -4.42
C PRO A 131 10.09 -26.77 -4.09
N GLY A 132 9.45 -27.71 -3.40
CA GLY A 132 10.11 -28.95 -3.01
C GLY A 132 9.55 -30.17 -3.71
N ASN A 138 3.45 -29.06 -12.73
CA ASN A 138 2.35 -28.54 -13.53
C ASN A 138 2.86 -27.65 -14.65
N SER A 139 1.93 -26.95 -15.32
CA SER A 139 2.30 -26.07 -16.41
C SER A 139 2.80 -24.72 -15.93
N MET A 140 2.53 -24.34 -14.68
CA MET A 140 3.03 -23.09 -14.11
C MET A 140 3.58 -23.35 -12.72
N VAL A 141 4.65 -22.64 -12.38
CA VAL A 141 5.29 -22.76 -11.08
C VAL A 141 5.23 -21.42 -10.36
N THR A 142 5.23 -21.49 -9.03
CA THR A 142 5.20 -20.31 -8.18
C THR A 142 6.46 -20.27 -7.34
N LEU A 143 7.16 -19.14 -7.40
CA LEU A 143 8.35 -18.88 -6.60
C LEU A 143 8.07 -17.73 -5.66
N GLY A 144 8.95 -17.54 -4.67
CA GLY A 144 8.72 -16.48 -3.73
C GLY A 144 9.98 -15.97 -3.06
N CYS A 145 9.82 -14.86 -2.36
CA CYS A 145 10.87 -14.31 -1.51
C CYS A 145 10.25 -13.90 -0.18
N LEU A 146 10.92 -14.27 0.92
CA LEU A 146 10.48 -13.96 2.26
C LEU A 146 11.42 -12.88 2.82
N VAL A 147 10.86 -11.71 3.12
CA VAL A 147 11.61 -10.58 3.64
C VAL A 147 11.25 -10.43 5.10
N LYS A 148 12.19 -10.77 5.98
CA LYS A 148 11.88 -10.97 7.40
C LYS A 148 12.77 -10.09 8.27
N GLY A 149 12.16 -9.45 9.27
CA GLY A 149 12.90 -8.81 10.34
C GLY A 149 13.54 -7.48 9.98
N TYR A 150 12.76 -6.55 9.44
CA TYR A 150 13.29 -5.24 9.07
C TYR A 150 12.51 -4.12 9.76
N PHE A 151 13.15 -2.96 9.85
CA PHE A 151 12.54 -1.76 10.42
C PHE A 151 13.33 -0.56 9.95
N PRO A 152 12.66 0.54 9.55
CA PRO A 152 11.20 0.67 9.49
C PRO A 152 10.63 0.30 8.13
N GLU A 153 9.38 0.70 7.91
CA GLU A 153 8.79 0.61 6.59
C GLU A 153 9.43 1.66 5.67
N PRO A 154 9.44 1.42 4.36
CA PRO A 154 8.98 0.19 3.70
C PRO A 154 10.11 -0.62 3.08
N VAL A 155 9.75 -1.73 2.46
CA VAL A 155 10.61 -2.44 1.53
C VAL A 155 9.87 -2.54 0.21
N THR A 156 10.62 -2.46 -0.89
CA THR A 156 10.06 -2.62 -2.23
C THR A 156 10.58 -3.90 -2.84
N VAL A 157 9.68 -4.64 -3.49
CA VAL A 157 10.03 -5.92 -4.09
C VAL A 157 9.66 -5.89 -5.56
N THR A 158 10.65 -6.16 -6.42
CA THR A 158 10.39 -6.38 -7.84
C THR A 158 10.98 -7.72 -8.23
N TRP A 159 10.68 -8.15 -9.46
CA TRP A 159 11.17 -9.44 -9.96
C TRP A 159 11.83 -9.24 -11.31
N ASN A 160 13.07 -9.73 -11.44
CA ASN A 160 13.87 -9.59 -12.66
C ASN A 160 13.91 -8.13 -13.11
N SER A 161 14.20 -7.25 -12.15
CA SER A 161 14.32 -5.81 -12.40
C SER A 161 13.04 -5.22 -12.99
N GLY A 162 11.90 -5.81 -12.67
CA GLY A 162 10.63 -5.35 -13.18
C GLY A 162 10.17 -6.00 -14.47
N SER A 163 11.07 -6.69 -15.18
CA SER A 163 10.65 -7.37 -16.40
C SER A 163 9.69 -8.52 -16.13
N LEU A 164 9.61 -8.96 -14.88
CA LEU A 164 8.62 -9.96 -14.44
C LEU A 164 7.59 -9.20 -13.60
N SER A 165 6.53 -8.75 -14.25
CA SER A 165 5.51 -7.92 -13.61
C SER A 165 4.16 -8.61 -13.47
N SER A 166 3.81 -9.54 -14.35
CA SER A 166 2.55 -10.24 -14.25
C SER A 166 2.66 -11.39 -13.26
N GLY A 167 1.53 -11.72 -12.64
CA GLY A 167 1.48 -12.81 -11.68
C GLY A 167 2.31 -12.58 -10.44
N VAL A 168 2.45 -11.33 -10.01
CA VAL A 168 3.22 -10.98 -8.82
C VAL A 168 2.25 -10.51 -7.75
N HIS A 169 2.34 -11.14 -6.57
CA HIS A 169 1.56 -10.73 -5.40
C HIS A 169 2.56 -10.42 -4.27
N THR A 170 2.67 -9.15 -3.91
CA THR A 170 3.48 -8.73 -2.78
C THR A 170 2.53 -8.35 -1.65
N PHE A 171 2.65 -9.05 -0.53
CA PHE A 171 1.69 -8.96 0.56
C PHE A 171 2.08 -7.88 1.55
N PRO A 172 1.08 -7.24 2.17
CA PRO A 172 1.38 -6.22 3.17
C PRO A 172 2.23 -6.78 4.31
N ALA A 173 3.07 -5.91 4.87
CA ALA A 173 3.94 -6.32 5.96
C ALA A 173 3.12 -6.56 7.22
N VAL A 174 3.53 -7.57 7.99
CA VAL A 174 2.96 -7.84 9.30
C VAL A 174 4.02 -7.64 10.36
N LEU A 175 3.57 -7.31 11.56
CA LEU A 175 4.46 -7.03 12.68
C LEU A 175 4.71 -8.33 13.45
N GLN A 176 5.98 -8.71 13.56
CA GLN A 176 6.40 -9.91 14.27
C GLN A 176 7.65 -9.56 15.07
N SER A 177 7.56 -9.70 16.39
CA SER A 177 8.67 -9.45 17.30
C SER A 177 9.26 -8.06 17.09
N ASP A 178 8.37 -7.07 17.01
CA ASP A 178 8.72 -5.66 16.83
C ASP A 178 9.41 -5.38 15.50
N LEU A 179 9.40 -6.31 14.56
CA LEU A 179 9.97 -6.11 13.24
C LEU A 179 8.90 -6.36 12.19
N TYR A 180 9.21 -6.07 10.94
CA TYR A 180 8.26 -6.27 9.86
C TYR A 180 8.66 -7.47 9.01
N THR A 181 7.65 -8.17 8.51
CA THR A 181 7.87 -9.35 7.67
C THR A 181 6.82 -9.38 6.57
N LEU A 182 7.26 -9.63 5.34
CA LEU A 182 6.34 -9.85 4.23
C LEU A 182 6.90 -10.91 3.30
N SER A 183 6.10 -11.27 2.31
CA SER A 183 6.52 -12.21 1.28
C SER A 183 5.99 -11.72 -0.06
N SER A 184 6.66 -12.15 -1.12
CA SER A 184 6.25 -11.85 -2.48
C SER A 184 6.27 -13.14 -3.28
N SER A 185 5.20 -13.40 -4.02
CA SER A 185 5.10 -14.57 -4.88
C SER A 185 5.02 -14.14 -6.33
N VAL A 186 5.59 -14.97 -7.21
CA VAL A 186 5.50 -14.75 -8.64
C VAL A 186 5.19 -16.09 -9.31
N THR A 187 4.27 -16.08 -10.25
CA THR A 187 3.85 -17.28 -10.96
C THR A 187 4.28 -17.16 -12.42
N VAL A 188 5.06 -18.14 -12.87
CA VAL A 188 5.61 -18.12 -14.23
C VAL A 188 5.32 -19.46 -14.89
N PRO A 189 5.42 -19.51 -16.21
CA PRO A 189 5.35 -20.82 -16.90
C PRO A 189 6.58 -21.66 -16.60
N SER A 190 6.39 -22.98 -16.56
CA SER A 190 7.49 -23.90 -16.30
C SER A 190 8.54 -23.85 -17.40
N SER A 191 8.18 -23.41 -18.60
CA SER A 191 9.13 -23.33 -19.70
C SER A 191 10.17 -22.22 -19.51
N THR A 192 9.98 -21.34 -18.52
CA THR A 192 10.90 -20.23 -18.32
C THR A 192 11.83 -20.41 -17.12
N TRP A 193 11.51 -21.31 -16.20
CA TRP A 193 12.30 -21.52 -14.99
C TRP A 193 12.36 -23.02 -14.70
N PRO A 194 13.55 -23.54 -14.35
CA PRO A 194 14.79 -22.80 -14.15
C PRO A 194 15.64 -22.60 -15.41
N SER A 195 15.05 -22.76 -16.60
CA SER A 195 15.82 -22.55 -17.83
C SER A 195 16.30 -21.10 -17.94
N GLU A 196 15.51 -20.15 -17.47
CA GLU A 196 15.95 -18.77 -17.33
C GLU A 196 15.81 -18.37 -15.86
N THR A 197 16.67 -17.45 -15.41
CA THR A 197 16.77 -17.15 -14.00
C THR A 197 15.59 -16.30 -13.53
N VAL A 198 15.22 -16.49 -12.27
CA VAL A 198 14.21 -15.68 -11.59
C VAL A 198 14.83 -15.12 -10.32
N THR A 199 14.85 -13.80 -10.22
CA THR A 199 15.51 -13.11 -9.11
C THR A 199 14.58 -12.03 -8.56
N CYS A 200 14.49 -11.95 -7.24
CA CYS A 200 13.72 -10.91 -6.57
C CYS A 200 14.65 -9.82 -6.07
N ASN A 201 14.30 -8.57 -6.37
CA ASN A 201 15.03 -7.39 -5.93
C ASN A 201 14.29 -6.81 -4.73
N VAL A 202 14.92 -6.86 -3.56
CA VAL A 202 14.35 -6.35 -2.33
C VAL A 202 15.16 -5.13 -1.92
N ALA A 203 14.50 -3.99 -1.82
CA ALA A 203 15.15 -2.74 -1.43
C ALA A 203 14.59 -2.27 -0.09
N HIS A 204 15.49 -1.90 0.81
CA HIS A 204 15.13 -1.30 2.10
C HIS A 204 15.91 0.01 2.21
N PRO A 205 15.28 1.14 1.88
CA PRO A 205 16.03 2.41 1.80
C PRO A 205 16.53 2.91 3.14
N ALA A 206 15.80 2.66 4.23
CA ALA A 206 16.21 3.19 5.52
C ALA A 206 17.56 2.66 5.97
N SER A 207 17.88 1.41 5.61
CA SER A 207 19.20 0.86 5.86
C SER A 207 20.09 0.90 4.63
N SER A 208 19.62 1.50 3.54
CA SER A 208 20.37 1.58 2.28
C SER A 208 20.78 0.18 1.81
N THR A 209 19.87 -0.78 1.95
CA THR A 209 20.18 -2.16 1.59
C THR A 209 19.39 -2.59 0.36
N LYS A 210 19.99 -3.48 -0.41
CA LYS A 210 19.30 -4.13 -1.51
C LYS A 210 19.87 -5.53 -1.66
N VAL A 211 18.97 -6.50 -1.76
CA VAL A 211 19.33 -7.90 -1.96
C VAL A 211 18.69 -8.36 -3.26
N ASP A 212 19.51 -8.94 -4.14
CA ASP A 212 19.04 -9.54 -5.38
C ASP A 212 19.14 -11.05 -5.19
N LYS A 213 18.05 -11.65 -4.74
CA LYS A 213 18.04 -13.06 -4.37
C LYS A 213 17.57 -13.90 -5.55
N LYS A 214 18.43 -14.81 -6.00
CA LYS A 214 18.10 -15.69 -7.11
C LYS A 214 17.43 -16.95 -6.59
N ILE A 215 16.33 -17.35 -7.23
CA ILE A 215 15.55 -18.49 -6.80
C ILE A 215 16.08 -19.71 -7.55
N VAL A 216 17.01 -20.42 -6.92
CA VAL A 216 17.57 -21.64 -7.49
C VAL A 216 16.73 -22.82 -7.02
N PRO A 217 16.57 -23.86 -7.84
CA PRO A 217 15.77 -25.02 -7.41
C PRO A 217 16.46 -25.81 -6.32
N ARG A 218 15.67 -26.39 -5.43
CA ARG A 218 16.19 -27.17 -4.32
C ARG A 218 16.73 -28.51 -4.79
N ILE B 2 -14.35 21.18 9.14
CA ILE B 2 -15.38 20.45 8.41
C ILE B 2 -15.01 18.97 8.38
N VAL B 3 -15.76 18.16 9.10
CA VAL B 3 -15.55 16.72 9.12
C VAL B 3 -16.34 16.09 7.98
N LEU B 4 -15.65 15.27 7.18
CA LEU B 4 -16.26 14.59 6.04
C LEU B 4 -16.44 13.11 6.37
N THR B 5 -17.66 12.62 6.16
CA THR B 5 -18.02 11.25 6.51
C THR B 5 -18.44 10.50 5.26
N GLN B 6 -17.77 9.39 4.99
CA GLN B 6 -18.07 8.54 3.84
C GLN B 6 -18.63 7.22 4.36
N SER B 7 -19.92 7.00 4.17
CA SER B 7 -20.59 5.79 4.58
C SER B 7 -21.37 5.20 3.41
N PRO B 8 -21.29 3.88 3.18
CA PRO B 8 -20.46 2.95 3.96
C PRO B 8 -18.99 2.98 3.58
N ALA B 9 -18.14 2.38 4.42
CA ALA B 9 -16.71 2.36 4.15
C ALA B 9 -16.32 1.33 3.09
N ILE B 10 -17.10 0.26 2.98
CA ILE B 10 -16.89 -0.77 1.96
C ILE B 10 -18.16 -0.85 1.12
N MET B 11 -17.98 -0.99 -0.19
CA MET B 11 -19.11 -1.13 -1.08
C MET B 11 -18.72 -2.06 -2.22
N SER B 12 -19.67 -2.87 -2.65
CA SER B 12 -19.46 -3.85 -3.71
C SER B 12 -20.48 -3.63 -4.81
N ALA B 13 -20.09 -3.92 -6.05
CA ALA B 13 -20.95 -3.67 -7.19
C ALA B 13 -20.63 -4.66 -8.31
N PHE B 14 -21.68 -5.06 -9.03
CA PHE B 14 -21.52 -5.94 -10.16
C PHE B 14 -20.92 -5.18 -11.34
N PRO B 15 -20.25 -5.88 -12.26
CA PRO B 15 -19.79 -5.22 -13.49
C PRO B 15 -20.96 -4.66 -14.27
N GLY B 16 -20.83 -3.40 -14.68
CA GLY B 16 -21.88 -2.72 -15.42
C GLY B 16 -22.92 -2.04 -14.57
N GLU B 17 -22.86 -2.18 -13.26
CA GLU B 17 -23.86 -1.58 -12.38
C GLU B 17 -23.52 -0.14 -12.06
N ARG B 18 -24.57 0.67 -11.92
CA ARG B 18 -24.40 2.06 -11.49
C ARG B 18 -24.09 2.11 -10.01
N VAL B 19 -23.05 2.88 -9.64
CA VAL B 19 -22.57 2.96 -8.27
C VAL B 19 -22.57 4.42 -7.83
N THR B 20 -22.90 4.66 -6.57
CA THR B 20 -22.88 6.01 -6.02
C THR B 20 -22.26 5.98 -4.63
N LEU B 21 -21.22 6.80 -4.44
CA LEU B 21 -20.57 6.99 -3.15
C LEU B 21 -20.95 8.37 -2.61
N THR B 22 -21.25 8.44 -1.31
CA THR B 22 -21.71 9.67 -0.69
C THR B 22 -20.63 10.24 0.21
N CYS B 23 -20.68 11.57 0.38
CA CYS B 23 -19.77 12.30 1.26
C CYS B 23 -20.61 13.32 2.01
N SER B 24 -20.65 13.20 3.33
CA SER B 24 -21.45 14.08 4.18
C SER B 24 -20.51 15.01 4.95
N ALA B 25 -20.78 16.31 4.87
CA ALA B 25 -19.98 17.33 5.53
C ALA B 25 -20.70 17.85 6.77
N SER B 26 -19.93 18.14 7.82
CA SER B 26 -20.51 18.64 9.05
C SER B 26 -21.05 20.06 8.90
N SER B 27 -20.42 20.87 8.05
CA SER B 27 -20.89 22.21 7.74
C SER B 27 -20.73 22.44 6.24
N SER B 28 -21.27 23.55 5.77
CA SER B 28 -21.38 23.80 4.33
C SER B 28 -20.01 23.90 3.66
N VAL B 29 -19.90 23.32 2.48
CA VAL B 29 -18.69 23.35 1.67
C VAL B 29 -19.02 23.99 0.33
N ARG B 30 -18.24 25.00 -0.05
CA ARG B 30 -18.40 25.60 -1.37
C ARG B 30 -18.09 24.56 -2.45
N SER B 31 -18.98 24.44 -3.42
CA SER B 31 -18.91 23.33 -4.37
C SER B 31 -17.64 23.38 -5.22
N SER B 32 -17.08 24.57 -5.43
CA SER B 32 -15.86 24.68 -6.22
C SER B 32 -14.67 24.01 -5.55
N TYR B 33 -14.73 23.81 -4.23
CA TYR B 33 -13.60 23.29 -3.46
C TYR B 33 -13.95 21.96 -2.79
N LEU B 34 -14.79 21.16 -3.45
CA LEU B 34 -15.08 19.79 -3.05
C LEU B 34 -14.59 18.89 -4.17
N CYS B 35 -13.66 17.99 -3.85
CA CYS B 35 -13.07 17.13 -4.87
C CYS B 35 -13.00 15.69 -4.34
N TRP B 36 -12.69 14.79 -5.26
CA TRP B 36 -12.60 13.35 -5.00
C TRP B 36 -11.28 12.83 -5.55
N TYR B 37 -10.58 12.05 -4.75
CA TYR B 37 -9.34 11.39 -5.11
C TYR B 37 -9.55 9.89 -5.19
N GLN B 38 -8.88 9.27 -6.16
CA GLN B 38 -8.84 7.82 -6.29
C GLN B 38 -7.44 7.32 -5.96
N GLN B 39 -7.36 6.23 -5.22
CA GLN B 39 -6.08 5.63 -4.86
C GLN B 39 -6.13 4.13 -5.09
N LYS B 40 -5.20 3.62 -5.87
CA LYS B 40 -5.01 2.20 -6.05
C LYS B 40 -3.75 1.74 -5.32
N PRO B 41 -3.67 0.48 -4.91
CA PRO B 41 -2.56 0.04 -4.07
C PRO B 41 -1.21 0.29 -4.71
N GLY B 42 -0.26 0.73 -3.90
CA GLY B 42 1.08 1.03 -4.39
C GLY B 42 1.21 2.31 -5.18
N SER B 43 0.27 3.24 -5.02
CA SER B 43 0.31 4.47 -5.79
C SER B 43 -0.27 5.61 -4.97
N SER B 44 0.12 6.83 -5.31
CA SER B 44 -0.38 8.01 -4.63
C SER B 44 -1.84 8.27 -5.04
N PRO B 45 -2.61 8.95 -4.19
CA PRO B 45 -3.95 9.37 -4.60
C PRO B 45 -3.88 10.31 -5.79
N LYS B 46 -4.83 10.16 -6.71
CA LYS B 46 -4.93 10.99 -7.90
C LYS B 46 -6.23 11.76 -7.89
N LEU B 47 -6.17 13.05 -8.23
CA LEU B 47 -7.37 13.86 -8.36
C LEU B 47 -8.29 13.26 -9.41
N TRP B 48 -9.49 12.86 -8.98
CA TRP B 48 -10.42 12.15 -9.85
C TRP B 48 -11.63 12.99 -10.25
N ILE B 49 -12.11 13.85 -9.35
CA ILE B 49 -13.19 14.78 -9.68
C ILE B 49 -12.89 16.09 -8.96
N TYR B 50 -12.92 17.20 -9.69
CA TYR B 50 -12.69 18.49 -9.08
C TYR B 50 -13.92 19.38 -9.25
N SER B 51 -14.06 20.33 -8.32
CA SER B 51 -15.18 21.26 -8.31
C SER B 51 -16.51 20.53 -8.40
N THR B 52 -16.68 19.53 -7.54
CA THR B 52 -17.90 18.74 -7.37
C THR B 52 -18.20 17.82 -8.56
N SER B 53 -18.11 18.32 -9.79
CA SER B 53 -18.62 17.58 -10.93
C SER B 53 -17.70 17.53 -12.15
N LYS B 54 -16.54 18.16 -12.11
CA LYS B 54 -15.67 18.25 -13.28
C LYS B 54 -14.60 17.16 -13.24
N LEU B 55 -14.28 16.61 -14.43
CA LEU B 55 -13.31 15.54 -14.54
C LEU B 55 -11.99 16.07 -15.07
N PRO B 56 -10.87 15.76 -14.41
CA PRO B 56 -9.56 16.07 -15.01
C PRO B 56 -9.27 15.12 -16.16
N SER B 57 -8.22 15.46 -16.91
CA SER B 57 -7.86 14.65 -18.07
C SER B 57 -7.42 13.27 -17.65
N GLY B 58 -7.80 12.26 -18.45
CA GLY B 58 -7.49 10.89 -18.17
C GLY B 58 -8.54 10.14 -17.38
N VAL B 59 -9.43 10.84 -16.68
CA VAL B 59 -10.50 10.21 -15.93
C VAL B 59 -11.61 9.79 -16.89
N PRO B 60 -11.99 8.51 -16.89
CA PRO B 60 -13.03 8.05 -17.83
C PRO B 60 -14.35 8.80 -17.66
N ALA B 61 -15.09 8.91 -18.76
CA ALA B 61 -16.32 9.69 -18.80
C ALA B 61 -17.46 9.06 -18.01
N ARG B 62 -17.36 7.77 -17.64
CA ARG B 62 -18.41 7.17 -16.84
C ARG B 62 -18.44 7.70 -15.41
N PHE B 63 -17.43 8.45 -15.00
CA PHE B 63 -17.43 9.08 -13.68
C PHE B 63 -18.14 10.42 -13.76
N SER B 64 -18.88 10.75 -12.70
CA SER B 64 -19.54 12.03 -12.56
C SER B 64 -19.61 12.37 -11.08
N GLY B 65 -19.97 13.62 -10.79
CA GLY B 65 -20.13 14.05 -9.42
C GLY B 65 -21.28 15.04 -9.31
N SER B 66 -21.83 15.13 -8.11
CA SER B 66 -22.90 16.08 -7.85
C SER B 66 -22.97 16.37 -6.36
N GLY B 67 -23.84 17.31 -6.01
CA GLY B 67 -24.07 17.66 -4.62
C GLY B 67 -23.92 19.14 -4.38
N SER B 68 -24.19 19.53 -3.14
CA SER B 68 -24.13 20.93 -2.73
C SER B 68 -24.21 20.98 -1.21
N GLY B 69 -23.90 22.15 -0.66
CA GLY B 69 -23.98 22.39 0.77
C GLY B 69 -23.18 21.41 1.60
N THR B 70 -23.86 20.43 2.19
CA THR B 70 -23.23 19.45 3.06
C THR B 70 -23.33 18.03 2.53
N SER B 71 -23.86 17.83 1.33
CA SER B 71 -24.10 16.49 0.80
C SER B 71 -23.56 16.42 -0.63
N TYR B 72 -22.61 15.51 -0.87
CA TYR B 72 -22.02 15.35 -2.18
C TYR B 72 -21.95 13.86 -2.52
N SER B 73 -21.68 13.57 -3.80
CA SER B 73 -21.66 12.20 -4.26
C SER B 73 -20.82 12.08 -5.52
N LEU B 74 -20.18 10.92 -5.65
CA LEU B 74 -19.49 10.48 -6.86
C LEU B 74 -20.26 9.31 -7.45
N THR B 75 -20.37 9.28 -8.77
CA THR B 75 -21.18 8.28 -9.44
C THR B 75 -20.38 7.63 -10.58
N ILE B 76 -20.47 6.31 -10.67
CA ILE B 76 -19.98 5.55 -11.81
C ILE B 76 -21.20 5.01 -12.54
N SER B 77 -21.39 5.45 -13.79
CA SER B 77 -22.57 5.04 -14.53
C SER B 77 -22.55 3.54 -14.82
N SER B 78 -21.36 2.95 -14.92
CA SER B 78 -21.25 1.51 -15.17
C SER B 78 -19.94 1.04 -14.55
N MET B 79 -20.05 0.26 -13.47
CA MET B 79 -18.87 -0.22 -12.74
C MET B 79 -18.01 -1.10 -13.63
N GLU B 80 -16.70 -0.84 -13.61
CA GLU B 80 -15.73 -1.65 -14.34
C GLU B 80 -14.65 -2.11 -13.38
N ALA B 81 -13.92 -3.15 -13.81
CA ALA B 81 -12.92 -3.78 -12.93
C ALA B 81 -11.86 -2.78 -12.48
N GLU B 82 -11.43 -1.90 -13.38
CA GLU B 82 -10.39 -0.93 -13.04
C GLU B 82 -10.90 0.19 -12.14
N ASP B 83 -12.18 0.19 -11.79
CA ASP B 83 -12.72 1.19 -10.86
C ASP B 83 -12.66 0.74 -9.41
N ALA B 84 -12.29 -0.52 -9.15
CA ALA B 84 -12.11 -1.02 -7.80
C ALA B 84 -10.89 -0.36 -7.18
N ALA B 85 -11.11 0.46 -6.15
CA ALA B 85 -10.04 1.24 -5.53
C ALA B 85 -10.56 1.97 -4.31
N SER B 86 -9.72 2.75 -3.65
CA SER B 86 -10.15 3.61 -2.58
C SER B 86 -10.53 4.98 -3.13
N TYR B 87 -11.59 5.57 -2.60
CA TYR B 87 -12.04 6.89 -3.00
C TYR B 87 -12.19 7.76 -1.77
N PHE B 88 -11.58 8.95 -1.81
CA PHE B 88 -11.66 9.92 -0.72
C PHE B 88 -12.34 11.17 -1.22
N CYS B 89 -13.25 11.72 -0.43
CA CYS B 89 -13.67 13.08 -0.70
C CYS B 89 -12.81 14.04 0.10
N HIS B 90 -12.82 15.31 -0.32
CA HIS B 90 -11.87 16.26 0.20
C HIS B 90 -12.43 17.67 0.00
N GLN B 91 -12.24 18.53 0.98
CA GLN B 91 -12.67 19.91 0.87
C GLN B 91 -11.51 20.82 1.24
N TRP B 92 -11.37 21.91 0.50
CA TRP B 92 -10.46 22.99 0.83
C TRP B 92 -11.20 24.32 0.75
N SER B 93 -12.47 24.30 1.17
CA SER B 93 -13.26 25.52 1.24
C SER B 93 -12.98 26.30 2.52
N SER B 94 -12.79 25.59 3.63
CA SER B 94 -12.46 26.20 4.91
C SER B 94 -11.25 25.49 5.49
N TYR B 95 -10.29 26.26 5.97
CA TYR B 95 -9.17 25.52 6.51
C TYR B 95 -9.39 25.21 7.98
N PRO B 96 -8.86 24.08 8.48
CA PRO B 96 -7.97 23.13 7.81
C PRO B 96 -8.63 22.30 6.71
N ARG B 97 -7.87 22.02 5.65
CA ARG B 97 -8.35 21.11 4.62
C ARG B 97 -8.50 19.71 5.21
N THR B 98 -9.57 19.02 4.81
CA THR B 98 -9.92 17.74 5.41
C THR B 98 -10.27 16.72 4.35
N PHE B 99 -10.01 15.45 4.66
CA PHE B 99 -10.36 14.31 3.83
C PHE B 99 -11.42 13.47 4.53
N GLY B 100 -12.20 12.75 3.74
CA GLY B 100 -13.06 11.73 4.30
C GLY B 100 -12.26 10.51 4.73
N GLY B 101 -12.96 9.59 5.40
CA GLY B 101 -12.32 8.35 5.80
C GLY B 101 -12.02 7.42 4.66
N GLY B 102 -12.64 7.63 3.50
CA GLY B 102 -12.39 6.79 2.35
C GLY B 102 -13.38 5.65 2.22
N THR B 103 -13.56 5.20 0.98
CA THR B 103 -14.42 4.07 0.67
C THR B 103 -13.68 3.11 -0.25
N LYS B 104 -13.61 1.84 0.14
CA LYS B 104 -13.01 0.81 -0.71
C LYS B 104 -14.11 0.23 -1.58
N LEU B 105 -14.07 0.55 -2.88
CA LEU B 105 -15.04 0.06 -3.83
C LEU B 105 -14.47 -1.18 -4.51
N GLU B 106 -15.19 -2.30 -4.37
CA GLU B 106 -14.79 -3.57 -4.96
C GLU B 106 -15.84 -4.03 -5.95
N ILE B 107 -15.43 -4.90 -6.86
CA ILE B 107 -16.29 -5.39 -7.93
C ILE B 107 -16.51 -6.88 -7.73
N LYS B 108 -17.75 -7.31 -7.95
CA LYS B 108 -18.09 -8.73 -7.81
C LYS B 108 -17.68 -9.49 -9.05
N ARG B 109 -17.41 -10.78 -8.87
CA ARG B 109 -16.98 -11.64 -9.96
C ARG B 109 -17.27 -13.09 -9.56
N ALA B 110 -16.95 -14.01 -10.46
CA ALA B 110 -17.26 -15.41 -10.24
C ALA B 110 -16.34 -16.03 -9.21
N ASP B 111 -16.88 -16.99 -8.46
CA ASP B 111 -16.08 -17.68 -7.46
C ASP B 111 -14.90 -18.39 -8.10
N ALA B 112 -13.76 -18.36 -7.42
CA ALA B 112 -12.54 -18.98 -7.91
C ALA B 112 -11.81 -19.67 -6.76
N ALA B 113 -11.30 -20.86 -7.05
CA ALA B 113 -10.52 -21.60 -6.06
C ALA B 113 -9.09 -21.08 -5.98
N PRO B 114 -8.49 -21.05 -4.80
CA PRO B 114 -7.13 -20.51 -4.67
C PRO B 114 -6.08 -21.49 -5.14
N THR B 115 -5.11 -20.96 -5.89
CA THR B 115 -3.90 -21.71 -6.21
C THR B 115 -3.01 -21.70 -4.97
N VAL B 116 -2.77 -22.88 -4.40
CA VAL B 116 -2.05 -23.00 -3.14
C VAL B 116 -0.65 -23.51 -3.41
N SER B 117 0.33 -22.88 -2.77
CA SER B 117 1.73 -23.28 -2.90
C SER B 117 2.39 -23.25 -1.53
N ILE B 118 3.13 -24.30 -1.20
CA ILE B 118 3.81 -24.38 0.09
C ILE B 118 5.31 -24.42 -0.16
N PHE B 119 6.07 -23.79 0.75
CA PHE B 119 7.50 -23.65 0.61
C PHE B 119 8.17 -23.93 1.96
N PRO B 120 9.20 -24.77 1.96
CA PRO B 120 9.90 -25.11 3.20
C PRO B 120 10.87 -24.02 3.59
N PRO B 121 11.35 -24.02 4.84
CA PRO B 121 12.41 -23.08 5.22
C PRO B 121 13.65 -23.30 4.38
N SER B 122 14.18 -22.21 3.83
CA SER B 122 15.38 -22.31 3.01
C SER B 122 16.60 -22.61 3.88
N SER B 123 17.64 -23.15 3.25
CA SER B 123 18.87 -23.47 3.98
C SER B 123 19.52 -22.23 4.56
N GLU B 124 19.37 -21.07 3.88
CA GLU B 124 19.93 -19.83 4.40
C GLU B 124 19.28 -19.44 5.73
N GLN B 125 17.98 -19.69 5.87
CA GLN B 125 17.32 -19.41 7.14
C GLN B 125 17.70 -20.43 8.20
N LEU B 126 17.85 -21.69 7.80
CA LEU B 126 18.26 -22.73 8.74
C LEU B 126 19.66 -22.46 9.30
N THR B 127 20.55 -21.89 8.48
CA THR B 127 21.87 -21.53 8.97
C THR B 127 21.78 -20.49 10.08
N SER B 128 20.84 -19.56 9.96
CA SER B 128 20.71 -18.49 10.96
C SER B 128 20.06 -18.97 12.25
N GLY B 129 19.12 -19.91 12.17
CA GLY B 129 18.54 -20.49 13.38
C GLY B 129 17.03 -20.55 13.43
N GLY B 130 16.35 -19.89 12.48
CA GLY B 130 14.91 -19.92 12.41
C GLY B 130 14.41 -20.85 11.30
N ALA B 131 13.08 -20.96 11.22
CA ALA B 131 12.49 -21.78 10.16
C ALA B 131 11.07 -21.28 9.91
N SER B 132 10.86 -20.64 8.77
CA SER B 132 9.54 -20.16 8.38
C SER B 132 9.04 -20.98 7.21
N VAL B 133 7.87 -21.60 7.35
CA VAL B 133 7.21 -22.31 6.27
C VAL B 133 6.15 -21.40 5.69
N VAL B 134 6.17 -21.23 4.37
CA VAL B 134 5.34 -20.24 3.70
C VAL B 134 4.25 -20.94 2.89
N CYS B 135 3.07 -20.34 2.84
CA CYS B 135 1.96 -20.88 2.05
C CYS B 135 1.23 -19.73 1.37
N PHE B 136 1.17 -19.76 0.05
CA PHE B 136 0.45 -18.75 -0.73
C PHE B 136 -0.87 -19.33 -1.21
N LEU B 137 -1.95 -18.56 -1.02
CA LEU B 137 -3.28 -18.87 -1.52
C LEU B 137 -3.63 -17.74 -2.48
N ASN B 138 -3.38 -17.95 -3.77
CA ASN B 138 -3.42 -16.88 -4.76
C ASN B 138 -4.68 -16.97 -5.63
N ASN B 139 -5.28 -15.81 -5.88
CA ASN B 139 -6.32 -15.61 -6.89
C ASN B 139 -7.56 -16.45 -6.58
N PHE B 140 -8.24 -16.03 -5.51
CA PHE B 140 -9.49 -16.64 -5.10
C PHE B 140 -10.55 -15.56 -4.94
N TYR B 141 -11.80 -16.00 -4.86
CA TYR B 141 -12.95 -15.13 -4.65
C TYR B 141 -14.09 -16.01 -4.13
N PRO B 142 -14.83 -15.57 -3.11
CA PRO B 142 -14.75 -14.28 -2.42
C PRO B 142 -13.56 -14.16 -1.47
N LYS B 143 -13.47 -13.03 -0.76
CA LYS B 143 -12.34 -12.80 0.13
C LYS B 143 -12.36 -13.72 1.33
N ASP B 144 -13.53 -14.21 1.73
CA ASP B 144 -13.63 -15.12 2.86
C ASP B 144 -12.98 -16.46 2.53
N ILE B 145 -11.98 -16.85 3.31
CA ILE B 145 -11.29 -18.12 3.12
C ILE B 145 -10.55 -18.46 4.40
N ASN B 146 -10.33 -19.75 4.64
CA ASN B 146 -9.61 -20.21 5.82
C ASN B 146 -8.43 -21.07 5.41
N VAL B 147 -7.38 -21.03 6.23
CA VAL B 147 -6.18 -21.82 6.01
C VAL B 147 -5.81 -22.54 7.30
N LYS B 148 -5.28 -23.75 7.17
CA LYS B 148 -4.83 -24.50 8.32
C LYS B 148 -3.57 -25.28 7.99
N TRP B 149 -2.83 -25.63 9.03
CA TRP B 149 -1.54 -26.27 8.91
C TRP B 149 -1.54 -27.61 9.65
N LYS B 150 -0.69 -28.51 9.18
CA LYS B 150 -0.50 -29.80 9.82
C LYS B 150 0.98 -30.18 9.77
N ILE B 151 1.49 -30.69 10.89
CA ILE B 151 2.87 -31.14 11.00
C ILE B 151 2.83 -32.62 11.36
N ASP B 152 3.30 -33.46 10.44
CA ASP B 152 3.25 -34.92 10.60
C ASP B 152 1.84 -35.42 10.91
N GLY B 153 0.84 -34.69 10.41
CA GLY B 153 -0.55 -35.02 10.63
C GLY B 153 -1.20 -34.24 11.76
N SER B 154 -0.42 -33.78 12.73
CA SER B 154 -0.98 -33.08 13.87
C SER B 154 -1.39 -31.66 13.47
N GLU B 155 -2.61 -31.27 13.83
CA GLU B 155 -3.13 -29.97 13.45
C GLU B 155 -2.42 -28.86 14.21
N ARG B 156 -2.01 -27.81 13.48
CA ARG B 156 -1.29 -26.67 14.03
C ARG B 156 -2.17 -25.43 14.01
N GLN B 157 -1.85 -24.47 14.86
CA GLN B 157 -2.62 -23.24 14.92
C GLN B 157 -1.80 -22.05 15.41
N ASN B 158 -0.76 -22.31 16.21
CA ASN B 158 0.03 -21.25 16.81
C ASN B 158 1.28 -20.96 15.98
N GLY B 159 1.71 -19.70 16.00
CA GLY B 159 2.82 -19.27 15.19
C GLY B 159 2.48 -18.96 13.75
N VAL B 160 1.23 -18.65 13.46
CA VAL B 160 0.74 -18.43 12.10
C VAL B 160 0.39 -16.96 11.94
N LEU B 161 0.91 -16.34 10.89
CA LEU B 161 0.61 -14.96 10.55
C LEU B 161 0.08 -14.90 9.12
N ASN B 162 -1.01 -14.15 8.93
CA ASN B 162 -1.67 -14.07 7.64
C ASN B 162 -1.68 -12.63 7.13
N SER B 163 -1.68 -12.50 5.80
CA SER B 163 -1.68 -11.20 5.15
C SER B 163 -2.47 -11.26 3.86
N TRP B 164 -3.37 -10.31 3.66
CA TRP B 164 -4.25 -10.25 2.49
C TRP B 164 -3.89 -9.08 1.59
N THR B 165 -3.95 -9.31 0.28
CA THR B 165 -3.82 -8.23 -0.69
C THR B 165 -5.18 -7.58 -0.95
N ASP B 166 -5.14 -6.42 -1.60
CA ASP B 166 -6.36 -5.81 -2.08
C ASP B 166 -6.88 -6.57 -3.29
N GLN B 167 -8.10 -6.24 -3.71
CA GLN B 167 -8.68 -6.88 -4.88
C GLN B 167 -7.86 -6.53 -6.13
N ASP B 168 -7.50 -7.54 -6.89
CA ASP B 168 -6.67 -7.34 -8.08
C ASP B 168 -7.43 -6.51 -9.12
N SER B 169 -6.67 -5.87 -10.00
CA SER B 169 -7.25 -4.94 -10.96
C SER B 169 -7.72 -5.60 -12.25
N LYS B 170 -7.16 -6.74 -12.62
CA LYS B 170 -7.51 -7.38 -13.89
C LYS B 170 -8.50 -8.53 -13.72
N ASP B 171 -8.33 -9.39 -12.72
CA ASP B 171 -9.23 -10.52 -12.52
C ASP B 171 -10.06 -10.38 -11.24
N SER B 172 -9.86 -9.31 -10.48
CA SER B 172 -10.71 -8.97 -9.33
C SER B 172 -10.67 -10.05 -8.25
N THR B 173 -9.55 -10.75 -8.12
CA THR B 173 -9.39 -11.78 -7.12
C THR B 173 -8.55 -11.26 -5.95
N TYR B 174 -8.54 -12.03 -4.87
CA TYR B 174 -7.73 -11.75 -3.70
C TYR B 174 -6.66 -12.81 -3.54
N SER B 175 -5.61 -12.46 -2.80
CA SER B 175 -4.53 -13.38 -2.49
C SER B 175 -4.18 -13.24 -1.01
N MET B 176 -3.65 -14.32 -0.45
CA MET B 176 -3.31 -14.36 0.98
C MET B 176 -2.02 -15.14 1.17
N SER B 177 -1.24 -14.70 2.15
CA SER B 177 -0.04 -15.42 2.57
C SER B 177 -0.20 -15.86 4.01
N SER B 178 0.20 -17.09 4.30
CA SER B 178 0.16 -17.68 5.63
C SER B 178 1.56 -18.20 5.94
N THR B 179 2.17 -17.64 6.99
CA THR B 179 3.53 -17.98 7.38
C THR B 179 3.53 -18.61 8.76
N LEU B 180 4.16 -19.77 8.87
CA LEU B 180 4.30 -20.49 10.14
C LEU B 180 5.75 -20.43 10.57
N THR B 181 6.02 -19.75 11.68
CA THR B 181 7.36 -19.55 12.17
C THR B 181 7.67 -20.52 13.31
N LEU B 182 8.83 -21.17 13.23
CA LEU B 182 9.26 -22.15 14.22
C LEU B 182 10.77 -22.02 14.41
N THR B 183 11.26 -22.67 15.46
CA THR B 183 12.69 -22.75 15.66
C THR B 183 13.30 -23.81 14.74
N LYS B 184 14.62 -23.72 14.56
CA LYS B 184 15.32 -24.72 13.76
C LYS B 184 15.17 -26.11 14.37
N ASP B 185 15.21 -26.19 15.70
CA ASP B 185 15.05 -27.47 16.38
C ASP B 185 13.70 -28.09 16.08
N GLU B 186 12.62 -27.33 16.32
CA GLU B 186 11.26 -27.85 16.13
C GLU B 186 11.04 -28.30 14.69
N TYR B 187 11.57 -27.55 13.73
CA TYR B 187 11.44 -27.96 12.33
C TYR B 187 12.25 -29.22 12.04
N GLU B 188 13.43 -29.34 12.65
CA GLU B 188 14.25 -30.54 12.40
C GLU B 188 13.65 -31.78 13.06
N ARG B 189 12.87 -31.62 14.13
CA ARG B 189 12.29 -32.78 14.80
C ARG B 189 11.24 -33.49 13.95
N HIS B 190 10.65 -32.81 12.96
CA HIS B 190 9.57 -33.35 12.16
C HIS B 190 9.97 -33.41 10.69
N ASN B 191 9.10 -34.02 9.90
CA ASN B 191 9.42 -34.27 8.48
C ASN B 191 8.32 -33.78 7.55
N SER B 192 7.07 -34.13 7.83
CA SER B 192 5.96 -33.81 6.94
C SER B 192 5.32 -32.49 7.34
N TYR B 193 5.03 -31.65 6.33
CA TYR B 193 4.41 -30.36 6.56
C TYR B 193 3.33 -30.13 5.50
N THR B 194 2.18 -29.64 5.94
CA THR B 194 1.00 -29.57 5.09
C THR B 194 0.27 -28.25 5.32
N CYS B 195 -0.09 -27.57 4.23
CA CYS B 195 -0.93 -26.38 4.27
C CYS B 195 -2.17 -26.64 3.43
N GLU B 196 -3.35 -26.46 4.02
CA GLU B 196 -4.58 -26.67 3.26
C GLU B 196 -5.52 -25.48 3.43
N ALA B 197 -6.24 -25.19 2.35
CA ALA B 197 -7.16 -24.08 2.27
C ALA B 197 -8.59 -24.62 2.17
N THR B 198 -9.49 -24.05 2.95
CA THR B 198 -10.88 -24.45 3.01
C THR B 198 -11.76 -23.21 2.98
N HIS B 199 -12.72 -23.19 2.07
CA HIS B 199 -13.80 -22.21 2.06
C HIS B 199 -15.00 -22.82 2.76
N LYS B 200 -15.56 -22.11 3.75
CA LYS B 200 -16.63 -22.67 4.57
C LYS B 200 -17.81 -23.13 3.73
N THR B 201 -18.04 -22.51 2.58
CA THR B 201 -19.11 -22.91 1.67
C THR B 201 -18.71 -24.06 0.75
N SER B 202 -17.72 -24.87 1.15
CA SER B 202 -17.28 -26.00 0.35
C SER B 202 -16.65 -27.04 1.27
N THR B 203 -16.63 -28.28 0.79
CA THR B 203 -16.05 -29.39 1.55
C THR B 203 -14.64 -29.73 1.09
N SER B 204 -14.45 -29.95 -0.21
CA SER B 204 -13.16 -30.35 -0.77
C SER B 204 -12.13 -29.25 -0.59
N PRO B 205 -11.09 -29.44 0.22
CA PRO B 205 -10.08 -28.40 0.39
C PRO B 205 -8.92 -28.57 -0.59
N ILE B 206 -8.14 -27.50 -0.72
CA ILE B 206 -6.96 -27.51 -1.56
C ILE B 206 -5.74 -27.72 -0.67
N VAL B 207 -5.06 -28.86 -0.83
CA VAL B 207 -4.02 -29.29 0.08
C VAL B 207 -2.68 -29.33 -0.65
N LYS B 208 -1.64 -28.79 -0.02
CA LYS B 208 -0.27 -28.93 -0.49
C LYS B 208 0.60 -29.39 0.67
N SER B 209 1.67 -30.11 0.35
CA SER B 209 2.50 -30.69 1.39
C SER B 209 3.92 -30.90 0.87
N PHE B 210 4.83 -31.13 1.82
CA PHE B 210 6.19 -31.51 1.49
C PHE B 210 6.77 -32.30 2.65
N ASN B 211 7.91 -32.95 2.39
CA ASN B 211 8.64 -33.72 3.39
C ASN B 211 10.05 -33.16 3.52
N ARG B 212 10.49 -32.97 4.76
CA ARG B 212 11.82 -32.42 5.02
C ARG B 212 12.91 -33.39 4.56
#